data_4AF9
#
_entry.id   4AF9
#
_cell.length_a   74.640
_cell.length_b   104.330
_cell.length_c   69.790
_cell.angle_alpha   90.00
_cell.angle_beta   90.00
_cell.angle_gamma   90.00
#
_symmetry.space_group_name_H-M   'C 2 2 21'
#
loop_
_entity.id
_entity.type
_entity.pdbx_description
1 polymer EPA1P
2 branched beta-D-galactopyranose-(1-3)-beta-D-glucopyranose
3 non-polymer 'CALCIUM ION'
4 non-polymer GLYCEROL
5 non-polymer DI(HYDROXYETHYL)ETHER
6 water water
#
_entity_poly.entity_id   1
_entity_poly.type   'polypeptide(L)'
_entity_poly.pdbx_seq_one_letter_code
;MGSSHHHHHHSSGLVPRGSHMTSSNDISLASKDPTTFPLGCSPDITTPKKGLSMELYSYDFRKKGSYPCWDAAYLDPNYP
RTGYKSHRLLAKVDGVTGNINFYYHATKGCTPQLGHLPASYNYPKPLTMTNFTMLLYGYFRPKVTGFHTFTISADDLLFV
NFGAGNAFDCCRRDSSADHFGNYQAYAIWGSKTAKDELTVHLDAGVYYPIRLFYNNREYDGALSFTFKTESNENTVSDFS
EYFFSLDDTEEGCPGLISYDSS
;
_entity_poly.pdbx_strand_id   A
#
loop_
_chem_comp.id
_chem_comp.type
_chem_comp.name
_chem_comp.formula
BGC D-saccharide, beta linking beta-D-glucopyranose 'C6 H12 O6'
CA non-polymer 'CALCIUM ION' 'Ca 2'
GAL D-saccharide, beta linking beta-D-galactopyranose 'C6 H12 O6'
GLC D-saccharide, alpha linking alpha-D-glucopyranose 'C6 H12 O6'
GOL non-polymer GLYCEROL 'C3 H8 O3'
PEG non-polymer DI(HYDROXYETHYL)ETHER 'C4 H10 O3'
#
# COMPACT_ATOMS: atom_id res chain seq x y z
N ALA A 30 -15.53 13.34 0.61
CA ALA A 30 -14.28 14.10 0.90
C ALA A 30 -13.56 14.43 -0.40
N SER A 31 -12.81 15.53 -0.40
CA SER A 31 -12.02 15.93 -1.55
C SER A 31 -10.96 14.87 -1.79
N LYS A 32 -10.63 14.62 -3.06
CA LYS A 32 -9.61 13.62 -3.38
C LYS A 32 -8.18 14.21 -3.24
N ASP A 33 -8.03 15.53 -3.12
CA ASP A 33 -6.66 16.10 -3.09
C ASP A 33 -5.84 15.71 -1.83
N PRO A 34 -4.52 15.52 -2.01
CA PRO A 34 -3.64 15.27 -0.86
C PRO A 34 -3.59 16.48 0.08
N THR A 35 -3.57 16.23 1.39
CA THR A 35 -3.54 17.33 2.37
C THR A 35 -2.71 16.98 3.60
N THR A 36 -2.27 18.03 4.29
CA THR A 36 -1.60 17.95 5.59
C THR A 36 -2.55 17.58 6.78
N PHE A 37 -3.87 17.84 6.61
CA PHE A 37 -4.88 17.48 7.61
C PHE A 37 -5.92 16.55 6.99
N PRO A 38 -5.50 15.31 6.72
CA PRO A 38 -6.42 14.41 6.07
C PRO A 38 -7.63 14.09 6.91
N LEU A 39 -8.69 13.74 6.19
CA LEU A 39 -9.92 13.32 6.81
C LEU A 39 -9.85 11.82 7.13
N GLY A 40 -10.45 11.44 8.26
CA GLY A 40 -10.53 10.04 8.67
C GLY A 40 -11.96 9.59 8.88
N CYS A 41 -12.08 8.40 9.46
CA CYS A 41 -13.32 7.66 9.59
CA CYS A 41 -13.36 7.73 9.60
C CYS A 41 -13.60 7.20 11.01
N SER A 42 -14.88 7.02 11.33
CA SER A 42 -15.33 6.63 12.66
C SER A 42 -16.19 5.39 12.57
N PRO A 43 -15.57 4.20 12.67
CA PRO A 43 -16.34 2.98 12.52
C PRO A 43 -17.35 2.77 13.67
N ASP A 44 -18.41 2.01 13.37
CA ASP A 44 -19.45 1.61 14.34
C ASP A 44 -18.98 0.46 15.25
N ILE A 45 -19.92 -0.21 15.93
N ILE A 45 -19.94 -0.22 15.86
CA ILE A 45 -19.56 -1.26 16.90
CA ILE A 45 -19.71 -1.24 16.86
C ILE A 45 -18.73 -2.42 16.33
C ILE A 45 -18.90 -2.46 16.36
N THR A 46 -18.94 -2.75 15.05
CA THR A 46 -18.24 -3.90 14.51
CA THR A 46 -18.23 -3.90 14.52
C THR A 46 -16.74 -3.75 14.71
N THR A 47 -16.11 -4.80 15.25
CA THR A 47 -14.71 -4.67 15.62
C THR A 47 -13.82 -4.69 14.36
N PRO A 48 -12.98 -3.66 14.23
CA PRO A 48 -12.07 -3.66 13.07
C PRO A 48 -11.24 -4.92 13.05
N LYS A 49 -10.92 -5.40 11.84
CA LYS A 49 -10.12 -6.60 11.68
CA LYS A 49 -10.13 -6.60 11.68
C LYS A 49 -8.68 -6.17 11.56
N LYS A 50 -7.78 -6.90 12.19
CA LYS A 50 -6.35 -6.58 12.10
C LYS A 50 -5.85 -6.71 10.66
N GLY A 51 -5.08 -5.73 10.25
CA GLY A 51 -4.34 -5.80 9.03
C GLY A 51 -5.01 -5.13 7.84
N LEU A 52 -4.22 -4.98 6.78
CA LEU A 52 -4.67 -4.52 5.46
C LEU A 52 -5.07 -5.70 4.55
N SER A 53 -5.81 -5.41 3.49
CA SER A 53 -6.03 -6.37 2.41
C SER A 53 -4.94 -6.19 1.37
N MET A 54 -4.58 -7.28 0.70
CA MET A 54 -3.53 -7.27 -0.34
CA MET A 54 -3.55 -7.23 -0.34
C MET A 54 -4.02 -7.98 -1.59
N GLU A 55 -3.69 -7.41 -2.75
CA GLU A 55 -3.89 -8.07 -4.04
C GLU A 55 -2.53 -8.14 -4.75
N LEU A 56 -2.20 -9.32 -5.28
CA LEU A 56 -0.94 -9.55 -5.99
CA LEU A 56 -0.95 -9.58 -5.96
C LEU A 56 -1.25 -9.87 -7.43
N TYR A 57 -0.49 -9.23 -8.33
CA TYR A 57 -0.61 -9.39 -9.76
C TYR A 57 0.74 -9.67 -10.44
N SER A 58 0.70 -10.40 -11.54
CA SER A 58 1.94 -10.59 -12.29
CA SER A 58 1.85 -10.59 -12.42
C SER A 58 2.36 -9.28 -12.99
N TYR A 59 3.64 -9.25 -13.35
CA TYR A 59 4.22 -8.15 -14.08
C TYR A 59 5.29 -8.79 -14.97
N ASP A 60 4.94 -9.02 -16.23
CA ASP A 60 5.83 -9.75 -17.10
C ASP A 60 6.98 -8.87 -17.61
N PHE A 61 8.05 -9.55 -18.00
CA PHE A 61 9.13 -8.94 -18.72
C PHE A 61 8.66 -8.78 -20.16
N ARG A 62 9.36 -7.95 -20.91
CA ARG A 62 9.22 -7.90 -22.38
C ARG A 62 9.77 -9.16 -23.03
N LYS A 63 9.43 -9.35 -24.32
CA LYS A 63 9.90 -10.49 -25.08
C LYS A 63 11.43 -10.63 -25.08
N LYS A 64 11.89 -11.87 -25.11
CA LYS A 64 13.32 -12.14 -25.05
C LYS A 64 14.06 -11.30 -26.09
N GLY A 65 15.17 -10.68 -25.69
CA GLY A 65 15.97 -9.84 -26.59
C GLY A 65 15.61 -8.36 -26.61
N SER A 66 14.54 -7.98 -25.89
CA SER A 66 14.16 -6.57 -25.85
C SER A 66 15.17 -5.77 -25.03
N TYR A 67 15.34 -4.50 -25.40
CA TYR A 67 16.26 -3.58 -24.72
C TYR A 67 15.44 -2.35 -24.30
N PRO A 68 15.32 -2.13 -22.96
CA PRO A 68 15.75 -3.04 -21.91
C PRO A 68 14.79 -4.21 -21.79
N CYS A 69 15.16 -5.19 -20.96
CA CYS A 69 14.34 -6.37 -20.79
C CYS A 69 13.01 -6.10 -20.08
N TRP A 70 13.03 -5.11 -19.21
CA TRP A 70 11.92 -4.85 -18.32
C TRP A 70 10.91 -3.98 -19.06
N ASP A 71 9.65 -4.17 -18.71
CA ASP A 71 8.52 -3.43 -19.27
C ASP A 71 8.38 -2.09 -18.52
N ALA A 72 8.19 -0.99 -19.25
CA ALA A 72 8.02 0.32 -18.64
C ALA A 72 6.54 0.62 -18.32
N ALA A 73 5.66 -0.38 -18.48
CA ALA A 73 4.23 -0.20 -18.20
C ALA A 73 3.93 0.35 -16.83
N TYR A 74 4.77 -0.03 -15.84
CA TYR A 74 4.53 0.38 -14.46
C TYR A 74 4.54 1.89 -14.24
N LEU A 75 5.12 2.62 -15.19
CA LEU A 75 5.21 4.07 -15.16
C LEU A 75 4.22 4.76 -16.06
N ASP A 76 3.35 4.01 -16.72
CA ASP A 76 2.25 4.67 -17.41
C ASP A 76 1.40 5.36 -16.36
N PRO A 77 0.91 6.58 -16.63
CA PRO A 77 0.15 7.28 -15.59
C PRO A 77 -1.09 6.53 -15.06
N ASN A 78 -1.72 5.73 -15.91
CA ASN A 78 -2.88 4.97 -15.49
C ASN A 78 -2.57 3.57 -14.99
N TYR A 79 -1.30 3.18 -14.93
CA TYR A 79 -0.97 1.83 -14.44
C TYR A 79 -1.53 1.53 -13.04
N PRO A 80 -1.38 2.45 -12.07
CA PRO A 80 -1.85 2.16 -10.70
C PRO A 80 -3.37 2.26 -10.56
N ARG A 81 -4.06 2.73 -11.59
CA ARG A 81 -5.52 2.91 -11.50
C ARG A 81 -6.26 1.80 -12.25
N THR A 82 -5.94 1.64 -13.54
CA THR A 82 -6.58 0.65 -14.40
C THR A 82 -5.65 -0.36 -15.03
N GLY A 83 -4.40 0.02 -15.29
CA GLY A 83 -3.54 -0.82 -16.11
C GLY A 83 -3.17 -2.12 -15.47
N TYR A 84 -2.97 -2.10 -14.17
CA TYR A 84 -2.57 -3.34 -13.47
C TYR A 84 -3.65 -4.42 -13.59
N LYS A 85 -4.90 -4.01 -13.73
CA LYS A 85 -6.03 -4.94 -13.74
C LYS A 85 -6.01 -5.94 -14.89
N SER A 86 -5.35 -5.58 -15.99
CA SER A 86 -5.23 -6.50 -17.10
CA SER A 86 -5.18 -6.46 -17.14
C SER A 86 -4.26 -7.64 -16.83
N HIS A 87 -3.41 -7.52 -15.81
CA HIS A 87 -2.41 -8.54 -15.51
C HIS A 87 -3.01 -9.73 -14.70
N ARG A 88 -2.29 -10.82 -14.65
CA ARG A 88 -2.81 -12.05 -14.02
C ARG A 88 -2.96 -11.76 -12.51
N LEU A 89 -4.16 -12.01 -11.98
CA LEU A 89 -4.41 -11.97 -10.55
C LEU A 89 -3.79 -13.24 -9.93
N LEU A 90 -2.88 -13.03 -9.00
CA LEU A 90 -2.21 -14.10 -8.28
C LEU A 90 -2.88 -14.47 -6.94
N ALA A 91 -3.31 -13.47 -6.19
CA ALA A 91 -3.83 -13.66 -4.85
C ALA A 91 -4.56 -12.47 -4.35
N LYS A 92 -5.52 -12.71 -3.46
CA LYS A 92 -6.13 -11.65 -2.66
CA LYS A 92 -6.13 -11.65 -2.66
C LYS A 92 -6.19 -12.19 -1.25
N VAL A 93 -5.50 -11.53 -0.34
N VAL A 93 -5.64 -11.40 -0.33
CA VAL A 93 -5.46 -11.95 1.06
CA VAL A 93 -5.31 -11.81 1.02
C VAL A 93 -5.76 -10.83 2.04
C VAL A 93 -5.91 -10.79 2.00
N ASP A 94 -6.21 -11.23 3.22
CA ASP A 94 -6.54 -10.32 4.31
C ASP A 94 -5.52 -10.45 5.40
N GLY A 95 -5.53 -9.46 6.29
CA GLY A 95 -4.78 -9.58 7.51
C GLY A 95 -3.31 -9.24 7.45
N VAL A 96 -2.89 -8.41 6.50
CA VAL A 96 -1.51 -8.01 6.36
C VAL A 96 -1.16 -6.97 7.40
N THR A 97 -0.28 -7.35 8.31
CA THR A 97 0.11 -6.41 9.39
C THR A 97 1.45 -6.78 9.97
N GLY A 98 1.93 -6.05 10.97
CA GLY A 98 3.26 -6.28 11.49
C GLY A 98 4.21 -5.41 10.69
N ASN A 99 5.43 -5.91 10.51
CA ASN A 99 6.45 -5.20 9.75
C ASN A 99 6.36 -5.68 8.30
N ILE A 100 5.97 -4.77 7.43
CA ILE A 100 5.72 -5.06 6.01
C ILE A 100 6.91 -4.74 5.14
N ASN A 101 8.02 -4.34 5.74
CA ASN A 101 9.19 -4.04 4.97
C ASN A 101 9.77 -5.31 4.39
N PHE A 102 10.44 -5.21 3.24
CA PHE A 102 11.17 -6.32 2.68
C PHE A 102 12.30 -5.85 1.80
N TYR A 103 13.27 -6.73 1.61
CA TYR A 103 14.30 -6.56 0.61
C TYR A 103 14.53 -7.95 0.00
N TYR A 104 14.26 -8.07 -1.27
CA TYR A 104 14.48 -9.33 -2.01
C TYR A 104 15.71 -9.14 -2.86
N HIS A 105 16.71 -9.98 -2.64
CA HIS A 105 17.91 -9.95 -3.43
C HIS A 105 17.81 -10.95 -4.55
N ALA A 106 17.88 -10.44 -5.78
CA ALA A 106 17.90 -11.28 -6.99
C ALA A 106 19.33 -11.65 -7.32
N THR A 107 19.50 -12.69 -8.13
CA THR A 107 20.86 -13.03 -8.59
C THR A 107 21.13 -12.66 -10.05
N LYS A 108 20.05 -12.51 -10.84
CA LYS A 108 20.17 -12.30 -12.27
C LYS A 108 19.24 -11.23 -12.73
N GLY A 109 19.72 -10.35 -13.62
CA GLY A 109 18.81 -9.48 -14.34
C GLY A 109 18.06 -10.22 -15.44
N CYS A 110 17.01 -9.57 -15.95
CA CYS A 110 16.26 -10.02 -17.11
C CYS A 110 15.66 -11.42 -16.97
N THR A 111 15.36 -11.79 -15.71
CA THR A 111 15.02 -13.16 -15.38
C THR A 111 14.00 -13.18 -14.27
N PRO A 112 12.86 -13.86 -14.46
CA PRO A 112 11.93 -14.04 -13.34
C PRO A 112 12.56 -15.00 -12.35
N GLN A 113 12.59 -14.60 -11.09
CA GLN A 113 13.13 -15.45 -10.05
C GLN A 113 12.17 -15.53 -8.88
N LEU A 114 12.11 -16.71 -8.27
CA LEU A 114 11.17 -16.94 -7.19
C LEU A 114 11.66 -16.38 -5.87
N GLY A 115 10.72 -16.02 -5.02
CA GLY A 115 10.96 -15.63 -3.65
C GLY A 115 9.67 -15.61 -2.87
N HIS A 116 9.79 -15.20 -1.62
CA HIS A 116 8.68 -15.19 -0.70
C HIS A 116 8.57 -13.83 -0.04
N LEU A 117 7.35 -13.37 0.19
CA LEU A 117 7.14 -12.20 1.00
C LEU A 117 7.31 -12.55 2.47
N PRO A 118 7.62 -11.55 3.31
CA PRO A 118 7.61 -11.83 4.75
C PRO A 118 6.28 -12.42 5.23
N ALA A 119 6.35 -13.15 6.32
CA ALA A 119 5.18 -13.75 6.97
C ALA A 119 4.06 -12.74 7.21
N SER A 120 4.42 -11.50 7.46
CA SER A 120 3.44 -10.43 7.69
C SER A 120 2.40 -10.33 6.56
N TYR A 121 2.77 -10.72 5.37
CA TYR A 121 1.90 -10.65 4.21
C TYR A 121 0.87 -11.75 4.10
N ASN A 122 0.95 -12.76 4.98
CA ASN A 122 -0.04 -13.83 5.05
CA ASN A 122 -0.07 -13.83 5.00
C ASN A 122 -0.20 -14.54 3.69
N TYR A 123 0.92 -14.69 2.97
CA TYR A 123 0.90 -15.33 1.70
C TYR A 123 2.04 -16.36 1.63
N PRO A 124 1.71 -17.63 1.88
N PRO A 124 1.71 -17.65 1.78
CA PRO A 124 2.73 -18.68 2.07
CA PRO A 124 2.71 -18.72 2.01
C PRO A 124 3.10 -19.42 0.77
C PRO A 124 3.53 -19.09 0.77
N LYS A 125 3.01 -18.76 -0.39
CA LYS A 125 3.41 -19.37 -1.63
C LYS A 125 4.55 -18.58 -2.24
N PRO A 126 5.42 -19.25 -3.02
CA PRO A 126 6.40 -18.48 -3.78
C PRO A 126 5.74 -17.64 -4.88
N LEU A 127 6.39 -16.53 -5.23
CA LEU A 127 6.00 -15.75 -6.39
C LEU A 127 7.26 -15.24 -7.09
N THR A 128 7.08 -14.69 -8.27
CA THR A 128 8.22 -14.05 -8.97
C THR A 128 8.52 -12.69 -8.33
N MET A 129 9.37 -12.70 -7.30
CA MET A 129 9.65 -11.51 -6.50
CA MET A 129 9.60 -11.49 -6.53
C MET A 129 10.44 -10.48 -7.30
N THR A 130 11.09 -10.90 -8.38
CA THR A 130 11.76 -10.01 -9.34
C THR A 130 10.81 -9.11 -10.12
N ASN A 131 9.56 -9.51 -10.25
CA ASN A 131 8.66 -8.89 -11.21
C ASN A 131 7.20 -9.16 -10.85
N PHE A 132 6.60 -8.20 -10.18
CA PHE A 132 5.24 -8.31 -9.69
C PHE A 132 4.69 -6.97 -9.27
N THR A 133 3.38 -6.91 -9.13
CA THR A 133 2.65 -5.75 -8.70
C THR A 133 1.83 -6.10 -7.48
N MET A 134 1.75 -5.19 -6.52
CA MET A 134 1.04 -5.44 -5.25
C MET A 134 0.26 -4.21 -4.85
N LEU A 135 -0.97 -4.42 -4.43
CA LEU A 135 -1.83 -3.35 -3.93
C LEU A 135 -2.19 -3.70 -2.50
N LEU A 136 -2.04 -2.75 -1.58
CA LEU A 136 -2.46 -2.90 -0.17
CA LEU A 136 -2.49 -2.90 -0.18
C LEU A 136 -3.46 -1.79 0.16
N TYR A 137 -4.48 -2.09 0.93
CA TYR A 137 -5.43 -1.03 1.30
CA TYR A 137 -5.45 -1.03 1.29
C TYR A 137 -6.15 -1.38 2.57
N GLY A 138 -6.59 -0.35 3.28
CA GLY A 138 -7.25 -0.50 4.56
C GLY A 138 -7.18 0.84 5.26
N TYR A 139 -6.99 0.79 6.58
CA TYR A 139 -7.02 1.98 7.41
C TYR A 139 -5.84 2.00 8.36
N PHE A 140 -5.33 3.23 8.62
CA PHE A 140 -4.30 3.47 9.61
C PHE A 140 -4.95 4.21 10.79
N ARG A 141 -4.76 3.64 11.97
CA ARG A 141 -5.29 4.15 13.22
C ARG A 141 -4.11 4.66 14.06
N PRO A 142 -3.99 5.98 14.24
CA PRO A 142 -2.93 6.47 15.09
C PRO A 142 -3.11 6.18 16.57
N LYS A 143 -2.00 6.12 17.30
CA LYS A 143 -2.00 6.02 18.75
C LYS A 143 -1.87 7.36 19.42
N VAL A 144 -1.35 8.35 18.71
CA VAL A 144 -1.16 9.67 19.25
C VAL A 144 -1.77 10.72 18.30
N THR A 145 -2.18 11.82 18.89
CA THR A 145 -2.66 12.97 18.16
C THR A 145 -1.50 13.93 17.93
N GLY A 146 -1.28 14.25 16.68
CA GLY A 146 -0.20 15.17 16.30
C GLY A 146 0.35 14.84 14.92
N PHE A 147 1.44 15.52 14.61
CA PHE A 147 2.11 15.28 13.35
C PHE A 147 2.85 13.97 13.33
N HIS A 148 2.60 13.27 12.22
CA HIS A 148 3.24 12.01 11.86
C HIS A 148 4.01 12.26 10.57
N THR A 149 5.23 11.76 10.51
CA THR A 149 5.98 11.76 9.24
C THR A 149 6.24 10.35 8.86
N PHE A 150 5.65 9.93 7.74
CA PHE A 150 5.87 8.63 7.15
C PHE A 150 7.03 8.72 6.17
N THR A 151 7.96 7.78 6.24
CA THR A 151 9.02 7.73 5.28
C THR A 151 8.88 6.47 4.46
N ILE A 152 9.00 6.62 3.14
CA ILE A 152 8.94 5.49 2.24
C ILE A 152 10.14 5.38 1.34
N SER A 153 10.45 4.15 0.94
CA SER A 153 11.45 3.86 -0.11
CA SER A 153 11.34 3.95 -0.19
C SER A 153 10.97 2.64 -0.86
N ALA A 154 11.35 2.50 -2.11
CA ALA A 154 10.95 1.31 -2.86
C ALA A 154 11.85 1.05 -4.03
N ASP A 155 11.98 -0.24 -4.36
CA ASP A 155 12.58 -0.70 -5.58
C ASP A 155 11.53 -1.65 -6.12
N ASP A 156 10.76 -1.31 -7.17
CA ASP A 156 10.94 -0.09 -8.00
C ASP A 156 10.03 1.07 -7.70
N LEU A 157 8.83 0.80 -7.19
CA LEU A 157 7.83 1.84 -7.14
C LEU A 157 6.94 1.63 -5.93
N LEU A 158 6.67 2.71 -5.20
CA LEU A 158 5.63 2.73 -4.16
CA LEU A 158 5.63 2.71 -4.17
C LEU A 158 4.90 4.04 -4.21
N PHE A 159 3.60 3.98 -4.44
CA PHE A 159 2.72 5.13 -4.47
C PHE A 159 1.75 5.04 -3.29
N VAL A 160 1.62 6.11 -2.51
CA VAL A 160 0.80 6.12 -1.31
C VAL A 160 -0.31 7.17 -1.43
N ASN A 161 -1.54 6.73 -1.19
CA ASN A 161 -2.64 7.63 -0.95
C ASN A 161 -3.05 7.51 0.50
N PHE A 162 -3.51 8.62 1.09
CA PHE A 162 -3.79 8.64 2.51
C PHE A 162 -4.88 9.65 2.78
N GLY A 163 -5.92 9.21 3.51
CA GLY A 163 -7.00 10.10 3.86
C GLY A 163 -8.28 9.72 3.13
N ALA A 164 -9.41 10.02 3.76
CA ALA A 164 -10.70 9.85 3.11
C ALA A 164 -10.72 10.70 1.84
N GLY A 165 -11.34 10.17 0.79
CA GLY A 165 -11.30 10.81 -0.54
C GLY A 165 -10.01 10.48 -1.27
N ASN A 166 -8.89 10.93 -0.71
CA ASN A 166 -7.60 10.76 -1.39
C ASN A 166 -7.30 9.31 -1.66
N ALA A 167 -7.53 8.45 -0.66
CA ALA A 167 -7.36 7.03 -0.82
C ALA A 167 -8.70 6.41 -1.27
N PHE A 168 -9.72 6.48 -0.41
CA PHE A 168 -11.07 6.00 -0.72
C PHE A 168 -12.01 6.57 0.32
N ASP A 169 -13.31 6.35 0.14
CA ASP A 169 -14.31 6.87 1.09
C ASP A 169 -14.58 5.94 2.28
N CYS A 170 -14.87 6.59 3.42
CA CYS A 170 -15.04 5.91 4.69
CA CYS A 170 -15.03 5.92 4.71
C CYS A 170 -16.13 4.83 4.68
N CYS A 171 -15.71 3.57 4.87
CA CYS A 171 -16.60 2.40 4.82
C CYS A 171 -17.42 2.34 3.54
N ARG A 172 -16.86 2.92 2.48
CA ARG A 172 -17.41 2.84 1.11
C ARG A 172 -16.27 2.63 0.10
N ARG A 173 -15.39 1.68 0.42
CA ARG A 173 -14.21 1.44 -0.38
C ARG A 173 -14.59 0.87 -1.74
N ASP A 174 -15.53 -0.07 -1.74
CA ASP A 174 -15.88 -0.73 -3.01
C ASP A 174 -16.38 0.26 -4.06
N SER A 175 -17.18 1.23 -3.64
N SER A 175 -17.16 1.25 -3.62
CA SER A 175 -17.64 2.28 -4.53
CA SER A 175 -17.69 2.29 -4.50
C SER A 175 -16.56 3.22 -5.06
C SER A 175 -16.76 3.48 -4.82
N SER A 176 -15.57 3.52 -4.24
CA SER A 176 -14.63 4.61 -4.49
C SER A 176 -13.18 4.18 -4.76
N ALA A 177 -12.94 2.88 -4.73
CA ALA A 177 -11.58 2.32 -4.81
C ALA A 177 -10.77 2.81 -6.00
N ASP A 178 -11.40 3.00 -7.17
CA ASP A 178 -10.64 3.42 -8.33
C ASP A 178 -10.57 4.96 -8.53
N HIS A 179 -10.99 5.71 -7.54
CA HIS A 179 -11.13 7.17 -7.66
C HIS A 179 -10.20 7.88 -6.68
N PHE A 180 -9.16 7.20 -6.25
CA PHE A 180 -8.10 7.84 -5.47
C PHE A 180 -7.52 9.09 -6.18
N GLY A 181 -7.00 10.01 -5.38
CA GLY A 181 -6.49 11.27 -5.94
C GLY A 181 -4.99 11.31 -6.09
N ASN A 182 -4.46 12.53 -6.14
CA ASN A 182 -3.03 12.68 -6.35
C ASN A 182 -2.28 12.02 -5.20
N TYR A 183 -1.10 11.49 -5.46
CA TYR A 183 -0.40 10.74 -4.41
C TYR A 183 0.10 11.65 -3.31
N GLN A 184 -0.04 11.18 -2.06
CA GLN A 184 0.50 11.87 -0.93
C GLN A 184 2.00 11.72 -0.81
N ALA A 185 2.55 10.58 -1.30
CA ALA A 185 3.98 10.39 -1.33
C ALA A 185 4.24 9.31 -2.40
N TYR A 186 5.42 9.35 -2.99
CA TYR A 186 5.77 8.30 -3.94
C TYR A 186 7.23 8.18 -4.05
N ALA A 187 7.70 6.98 -4.31
CA ALA A 187 9.10 6.67 -4.44
C ALA A 187 9.27 5.83 -5.69
N ILE A 188 10.22 6.24 -6.52
CA ILE A 188 10.59 5.52 -7.73
C ILE A 188 12.10 5.29 -7.77
N TRP A 189 12.52 4.02 -7.81
CA TRP A 189 13.93 3.69 -7.88
C TRP A 189 14.52 4.29 -9.14
N GLY A 190 15.69 4.91 -8.99
CA GLY A 190 16.39 5.47 -10.13
C GLY A 190 16.14 6.96 -10.26
N SER A 191 15.20 7.50 -9.48
CA SER A 191 14.94 8.95 -9.35
C SER A 191 16.08 9.57 -8.57
N LYS A 192 16.12 10.90 -8.47
CA LYS A 192 17.26 11.52 -7.75
C LYS A 192 17.48 10.83 -6.38
N THR A 193 16.38 10.53 -5.68
CA THR A 193 16.37 9.53 -4.61
C THR A 193 15.11 8.69 -4.74
N ALA A 194 15.22 7.39 -4.49
CA ALA A 194 14.02 6.59 -4.39
C ALA A 194 13.41 6.67 -2.99
N LYS A 195 13.35 7.87 -2.35
CA LYS A 195 12.75 8.03 -1.00
C LYS A 195 11.82 9.27 -0.93
N ASP A 196 10.79 9.23 -0.08
CA ASP A 196 9.87 10.33 0.04
C ASP A 196 9.29 10.27 1.47
N GLU A 197 8.70 11.38 1.85
CA GLU A 197 8.08 11.56 3.16
C GLU A 197 6.70 12.09 2.96
N LEU A 198 5.86 11.79 3.92
CA LEU A 198 4.55 12.44 4.03
C LEU A 198 4.37 12.87 5.47
N THR A 199 4.11 14.16 5.68
CA THR A 199 3.86 14.69 7.02
C THR A 199 2.42 15.13 7.12
N VAL A 200 1.69 14.51 8.05
CA VAL A 200 0.26 14.75 8.23
C VAL A 200 -0.08 14.83 9.71
N HIS A 201 -1.02 15.72 10.05
CA HIS A 201 -1.53 15.82 11.42
C HIS A 201 -2.72 14.87 11.53
N LEU A 202 -2.65 13.95 12.49
CA LEU A 202 -3.64 12.89 12.67
C LEU A 202 -4.18 12.92 14.09
N ASP A 203 -5.39 12.38 14.24
CA ASP A 203 -6.03 12.21 15.55
C ASP A 203 -6.05 10.76 16.03
N ALA A 204 -5.68 10.55 17.30
CA ALA A 204 -5.59 9.22 17.88
C ALA A 204 -6.95 8.52 17.79
N GLY A 205 -6.95 7.25 17.41
CA GLY A 205 -8.14 6.43 17.41
C GLY A 205 -9.11 6.62 16.26
N VAL A 206 -8.80 7.53 15.35
CA VAL A 206 -9.51 7.72 14.11
C VAL A 206 -8.88 6.80 13.07
N TYR A 207 -9.67 6.38 12.09
CA TYR A 207 -9.23 5.36 11.09
C TYR A 207 -9.10 6.04 9.74
N TYR A 208 -7.89 6.11 9.24
CA TYR A 208 -7.60 6.86 8.00
C TYR A 208 -7.40 5.94 6.80
N PRO A 209 -8.21 6.09 5.76
CA PRO A 209 -8.00 5.26 4.56
C PRO A 209 -6.59 5.39 4.00
N ILE A 210 -6.00 4.24 3.64
CA ILE A 210 -4.66 4.18 3.09
C ILE A 210 -4.64 3.21 1.91
N ARG A 211 -3.87 3.59 0.88
CA ARG A 211 -3.64 2.73 -0.27
C ARG A 211 -2.15 2.76 -0.62
N LEU A 212 -1.53 1.58 -0.73
CA LEU A 212 -0.14 1.44 -1.07
C LEU A 212 -0.10 0.65 -2.38
N PHE A 213 0.59 1.16 -3.39
CA PHE A 213 0.68 0.51 -4.68
C PHE A 213 2.16 0.29 -5.01
N TYR A 214 2.55 -0.97 -5.20
CA TYR A 214 3.92 -1.41 -5.32
C TYR A 214 4.21 -2.14 -6.63
N ASN A 215 5.36 -1.90 -7.21
CA ASN A 215 5.82 -2.71 -8.33
C ASN A 215 7.29 -3.02 -8.29
N ASN A 216 7.67 -4.23 -8.70
CA ASN A 216 9.07 -4.54 -9.03
C ASN A 216 9.10 -4.86 -10.51
N ARG A 217 9.96 -4.21 -11.27
CA ARG A 217 10.07 -4.41 -12.74
C ARG A 217 11.06 -5.50 -13.12
N GLU A 218 12.04 -5.75 -12.26
CA GLU A 218 13.20 -6.62 -12.54
C GLU A 218 14.09 -6.66 -11.31
N TYR A 219 14.82 -7.77 -11.15
CA TYR A 219 15.97 -7.83 -10.21
C TYR A 219 15.49 -7.58 -8.77
N ASP A 220 16.29 -6.86 -7.95
CA ASP A 220 15.96 -6.68 -6.53
C ASP A 220 14.62 -5.97 -6.38
N GLY A 221 13.94 -6.25 -5.25
CA GLY A 221 12.70 -5.57 -4.90
C GLY A 221 12.82 -5.17 -3.45
N ALA A 222 12.26 -4.02 -3.11
CA ALA A 222 12.34 -3.52 -1.74
C ALA A 222 11.18 -2.61 -1.48
N LEU A 223 10.68 -2.66 -0.25
CA LEU A 223 9.66 -1.76 0.24
C LEU A 223 10.03 -1.40 1.67
N SER A 224 10.04 -0.11 1.98
CA SER A 224 10.17 0.34 3.37
C SER A 224 9.11 1.38 3.65
N PHE A 225 8.39 1.17 4.75
CA PHE A 225 7.29 2.04 5.15
C PHE A 225 7.37 2.13 6.67
N THR A 226 7.71 3.30 7.19
CA THR A 226 7.92 3.53 8.61
C THR A 226 7.41 4.91 8.96
N PHE A 227 7.27 5.21 10.27
CA PHE A 227 6.93 6.58 10.63
C PHE A 227 7.45 6.96 11.99
N LYS A 228 7.49 8.27 12.20
CA LYS A 228 7.78 8.92 13.49
C LYS A 228 6.68 9.91 13.79
N THR A 229 6.57 10.27 15.06
CA THR A 229 5.62 11.31 15.47
C THR A 229 6.36 12.35 16.34
N GLU A 230 5.63 13.41 16.65
CA GLU A 230 6.10 14.42 17.56
C GLU A 230 6.17 13.96 19.01
N SER A 231 5.58 12.82 19.38
CA SER A 231 5.46 12.47 20.82
C SER A 231 6.73 11.90 21.43
N ASN A 232 7.60 11.36 20.61
CA ASN A 232 8.83 10.72 21.10
C ASN A 232 9.78 10.52 19.91
N GLU A 233 10.93 9.88 20.13
CA GLU A 233 11.86 9.64 19.02
C GLU A 233 11.86 8.20 18.53
N ASN A 234 10.78 7.48 18.78
CA ASN A 234 10.67 6.08 18.37
C ASN A 234 10.30 6.02 16.89
N THR A 235 10.94 5.14 16.13
CA THR A 235 10.52 4.85 14.76
C THR A 235 9.64 3.60 14.79
N VAL A 236 8.45 3.73 14.22
CA VAL A 236 7.54 2.59 14.10
C VAL A 236 7.71 1.89 12.76
N SER A 237 8.02 0.60 12.83
CA SER A 237 8.15 -0.29 11.68
CA SER A 237 8.07 -0.25 11.64
C SER A 237 7.16 -1.46 11.73
N ASP A 238 6.58 -1.71 12.91
CA ASP A 238 5.62 -2.79 13.14
C ASP A 238 4.25 -2.18 13.29
N PHE A 239 3.37 -2.50 12.35
CA PHE A 239 2.05 -1.88 12.26
C PHE A 239 0.93 -2.74 12.88
N SER A 240 1.31 -3.69 13.73
CA SER A 240 0.32 -4.53 14.43
C SER A 240 -0.81 -3.78 15.13
N GLU A 241 -0.48 -2.66 15.77
CA GLU A 241 -1.47 -1.84 16.46
C GLU A 241 -2.09 -0.73 15.63
N TYR A 242 -1.75 -0.67 14.35
CA TYR A 242 -2.04 0.48 13.49
C TYR A 242 -2.84 0.20 12.22
N PHE A 243 -2.62 -0.97 11.59
CA PHE A 243 -3.35 -1.27 10.33
C PHE A 243 -4.56 -2.11 10.57
N PHE A 244 -5.69 -1.67 10.00
CA PHE A 244 -6.99 -2.34 10.17
C PHE A 244 -7.82 -2.35 8.90
N SER A 245 -8.77 -3.28 8.86
CA SER A 245 -9.76 -3.33 7.79
C SER A 245 -11.11 -3.15 8.41
N LEU A 246 -11.95 -2.40 7.72
CA LEU A 246 -13.33 -2.13 8.16
C LEU A 246 -14.28 -2.56 7.06
N ASP A 247 -15.39 -3.15 7.43
CA ASP A 247 -16.35 -3.55 6.43
C ASP A 247 -17.01 -2.32 5.86
N ASP A 248 -17.37 -2.37 4.58
CA ASP A 248 -18.19 -1.33 4.00
C ASP A 248 -19.57 -1.45 4.62
N THR A 249 -20.23 -0.33 4.75
CA THR A 249 -21.58 -0.30 5.32
C THR A 249 -22.49 0.48 4.40
N GLU A 250 -23.78 0.28 4.61
CA GLU A 250 -24.81 0.94 3.82
C GLU A 250 -24.60 2.46 3.78
N GLU A 251 -24.41 3.03 4.96
CA GLU A 251 -24.40 4.48 5.12
C GLU A 251 -22.98 5.10 5.14
N GLY A 252 -21.95 4.24 5.11
CA GLY A 252 -20.57 4.72 5.27
C GLY A 252 -20.30 5.08 6.72
N CYS A 253 -19.06 5.47 7.02
CA CYS A 253 -18.63 5.78 8.40
C CYS A 253 -17.74 7.03 8.46
N PRO A 254 -18.22 8.17 7.93
CA PRO A 254 -17.44 9.40 7.94
C PRO A 254 -16.96 9.81 9.33
N GLY A 255 -15.80 10.43 9.39
CA GLY A 255 -15.23 10.89 10.64
C GLY A 255 -16.18 11.81 11.38
N LEU A 256 -16.37 11.54 12.65
CA LEU A 256 -17.31 12.31 13.47
C LEU A 256 -16.59 13.30 14.40
N ILE A 257 -15.26 13.28 14.44
CA ILE A 257 -14.56 14.10 15.43
C ILE A 257 -14.33 15.54 14.93
N SER A 258 -14.47 15.82 13.73
C2 BGC B . 19.81 -4.77 -14.55
C3 BGC B . 19.85 -4.17 -13.15
C4 BGC B . 20.83 -4.84 -12.24
C5 BGC B . 22.16 -5.11 -12.92
C6 BGC B . 22.94 -6.16 -12.11
C1 BGC B . 21.24 -4.79 -15.12
O1 BGC B . 21.22 -5.35 -16.45
O2 BGC B . 18.96 -3.96 -15.35
O3 BGC B . 18.51 -4.28 -12.63
O4 BGC B . 21.08 -3.98 -11.10
O5 BGC B . 22.02 -5.62 -14.25
O6 BGC B . 24.22 -6.33 -12.75
C1 GLC B . 21.24 -4.79 -15.12
C2 GLC B . 19.81 -4.77 -14.55
C3 GLC B . 19.85 -4.17 -13.15
C4 GLC B . 20.83 -4.84 -12.24
C5 GLC B . 22.16 -5.11 -12.92
C6 GLC B . 22.94 -6.16 -12.11
O1 GLC B . 21.78 -3.47 -15.21
O2 GLC B . 18.96 -3.96 -15.35
O3 GLC B . 18.51 -4.28 -12.63
O4 GLC B . 21.08 -3.98 -11.10
O5 GLC B . 22.02 -5.62 -14.25
O6 GLC B . 24.22 -6.33 -12.75
C1 GAL B . 18.07 -3.15 -11.84
C2 GAL B . 16.56 -3.15 -11.88
C3 GAL B . 15.96 -2.13 -10.94
C4 GAL B . 16.57 -2.20 -9.55
C5 GAL B . 18.12 -2.18 -9.65
C6 GAL B . 18.77 -2.44 -8.30
O2 GAL B . 16.14 -2.78 -13.21
O3 GAL B . 14.55 -2.43 -10.87
O4 GAL B . 16.09 -3.35 -8.88
O5 GAL B . 18.54 -3.22 -10.51
O6 GAL B . 20.19 -2.34 -8.51
CA CA C . 13.73 -3.82 -9.16
C1 GOL D . 5.81 6.63 17.54
O1 GOL D . 5.96 8.01 17.91
C2 GOL D . 4.85 5.90 18.45
O2 GOL D . 5.40 5.84 19.75
C3 GOL D . 3.44 6.49 18.48
O3 GOL D . 2.71 6.18 17.27
C1 GOL E . 8.62 13.14 13.48
O1 GOL E . 9.95 13.23 13.92
C2 GOL E . 7.93 14.49 13.51
O2 GOL E . 8.55 15.38 12.61
C3 GOL E . 6.47 14.30 13.13
O3 GOL E . 6.19 15.01 11.95
C1 PEG F . 12.13 -11.07 1.30
C1 PEG F . 12.32 -11.42 1.39
O1 PEG F . 10.72 -10.89 1.04
O1 PEG F . 12.36 -12.87 1.51
C2 PEG F . 12.35 -10.81 2.79
O2 PEG F . 12.75 -9.42 2.92
C3 PEG F . 13.28 -8.94 4.16
C4 PEG F . 14.75 -8.50 4.08
O4 PEG F . 15.08 -7.55 5.11
C1 GOL G . 7.25 -22.49 -10.49
O1 GOL G . 8.16 -22.46 -11.57
C2 GOL G . 5.86 -22.86 -10.99
O2 GOL G . 4.84 -22.24 -10.24
C3 GOL G . 5.74 -22.42 -12.43
O3 GOL G . 5.94 -21.03 -12.46
#